data_2DKN
#
_entry.id   2DKN
#
_cell.length_a   62.457
_cell.length_b   82.248
_cell.length_c   86.569
_cell.angle_alpha   90.00
_cell.angle_beta   90.00
_cell.angle_gamma   90.00
#
_symmetry.space_group_name_H-M   'P 21 21 21'
#
loop_
_entity.id
_entity.type
_entity.pdbx_description
1 polymer '3-alpha-hydroxysteroid dehydrogenase'
2 non-polymer '1,4-DIHYDRONICOTINAMIDE ADENINE DINUCLEOTIDE'
3 water water
#
_entity_poly.entity_id   1
_entity_poly.type   'polypeptide(L)'
_entity_poly.pdbx_seq_one_letter_code
;MSVIAITGSASGIGAALKELLARAGHTVIGIDRGQADIEADLSTPGGRETAVAAVLDRCGGVLDGLVCCAGVGVTAANSG
LVVAVNYFGVSALLDGLAEALSRGQQPAAVIVGSIAATQPGAAELPMVEAMLAGDEARAIELAEQQGQTHLAYAGSKYAV
TCLARRNVVDWAGRGVRLNVVAPGAVETPLLQASKADPRYGESTRRFVAPLGRGSEPREVAEAIAFLLGPQASFIHGSVL
FVDGGMDALMRAKTF
;
_entity_poly.pdbx_strand_id   A,B
#
loop_
_chem_comp.id
_chem_comp.type
_chem_comp.name
_chem_comp.formula
NAI non-polymer '1,4-DIHYDRONICOTINAMIDE ADENINE DINUCLEOTIDE' 'C21 H29 N7 O14 P2'
#
# COMPACT_ATOMS: atom_id res chain seq x y z
N SER A 2 -2.39 18.04 14.81
CA SER A 2 -0.98 17.72 15.14
C SER A 2 0.00 18.59 14.34
N VAL A 3 1.29 18.42 14.60
CA VAL A 3 2.37 19.18 13.96
C VAL A 3 3.15 18.21 13.07
N ILE A 4 3.17 18.50 11.78
CA ILE A 4 3.74 17.57 10.80
C ILE A 4 4.72 18.32 9.91
N ALA A 5 5.95 17.80 9.80
CA ALA A 5 6.96 18.32 8.88
C ALA A 5 6.89 17.62 7.54
N ILE A 6 7.02 18.38 6.45
CA ILE A 6 6.95 17.79 5.10
C ILE A 6 8.14 18.33 4.27
N THR A 7 9.06 17.45 3.88
CA THR A 7 10.10 17.89 2.94
C THR A 7 9.53 17.84 1.55
N GLY A 8 9.96 18.77 0.69
CA GLY A 8 9.41 18.89 -0.66
C GLY A 8 8.04 19.55 -0.74
N SER A 9 7.75 20.41 0.23
CA SER A 9 6.44 21.02 0.38
C SER A 9 6.11 22.09 -0.69
N ALA A 10 7.09 22.51 -1.48
CA ALA A 10 6.86 23.68 -2.38
C ALA A 10 6.23 23.31 -3.71
N SER A 11 6.13 22.01 -4.00
CA SER A 11 5.67 21.54 -5.31
C SER A 11 5.00 20.18 -5.23
N GLY A 12 4.31 19.83 -6.31
CA GLY A 12 3.79 18.47 -6.50
C GLY A 12 3.08 17.84 -5.33
N ILE A 13 3.49 16.61 -5.01
CA ILE A 13 2.87 15.80 -3.94
C ILE A 13 2.97 16.48 -2.56
N GLY A 14 4.15 17.03 -2.26
CA GLY A 14 4.37 17.69 -0.98
C GLY A 14 3.49 18.91 -0.80
N ALA A 15 3.35 19.68 -1.88
CA ALA A 15 2.49 20.87 -1.88
C ALA A 15 1.03 20.45 -1.67
N ALA A 16 0.63 19.37 -2.33
CA ALA A 16 -0.74 18.89 -2.22
C ALA A 16 -1.03 18.45 -0.78
N LEU A 17 -0.05 17.77 -0.19
CA LEU A 17 -0.18 17.26 1.16
C LEU A 17 -0.19 18.40 2.19
N LYS A 18 0.68 19.38 1.99
CA LYS A 18 0.72 20.54 2.87
C LYS A 18 -0.67 21.19 2.92
N GLU A 19 -1.27 21.36 1.75
CA GLU A 19 -2.60 21.97 1.66
C GLU A 19 -3.66 21.09 2.32
N LEU A 20 -3.66 19.81 1.98
CA LEU A 20 -4.59 18.85 2.61
C LEU A 20 -4.54 18.89 4.15
N LEU A 21 -3.35 18.74 4.73
CA LEU A 21 -3.19 18.73 6.19
C LEU A 21 -3.57 20.06 6.84
N ALA A 22 -3.22 21.15 6.18
CA ALA A 22 -3.49 22.49 6.74
C ALA A 22 -5.01 22.70 6.85
N ARG A 23 -5.72 22.34 5.79
CA ARG A 23 -7.18 22.44 5.75
C ARG A 23 -7.88 21.56 6.76
N ALA A 24 -7.26 20.44 7.10
CA ALA A 24 -7.78 19.54 8.12
C ALA A 24 -7.41 20.01 9.53
N GLY A 25 -6.70 21.13 9.64
CA GLY A 25 -6.43 21.76 10.92
C GLY A 25 -5.07 21.53 11.55
N HIS A 26 -4.20 20.82 10.84
CA HIS A 26 -2.87 20.52 11.36
C HIS A 26 -1.90 21.67 11.12
N THR A 27 -0.86 21.70 11.93
CA THR A 27 0.23 22.66 11.74
C THR A 27 1.28 21.99 10.85
N VAL A 28 1.55 22.60 9.71
CA VAL A 28 2.50 22.01 8.74
C VAL A 28 3.80 22.82 8.72
N ILE A 29 4.94 22.13 8.86
CA ILE A 29 6.23 22.78 8.74
C ILE A 29 6.84 22.35 7.40
N GLY A 30 6.94 23.27 6.45
CA GLY A 30 7.41 22.90 5.12
C GLY A 30 8.91 23.08 4.97
N ILE A 31 9.58 22.13 4.32
CA ILE A 31 11.01 22.23 4.05
C ILE A 31 11.21 22.03 2.54
N ASP A 32 11.90 22.96 1.88
CA ASP A 32 12.16 22.81 0.46
C ASP A 32 13.39 23.66 0.12
N ARG A 33 13.80 23.66 -1.14
CA ARG A 33 14.95 24.49 -1.57
C ARG A 33 14.64 25.96 -1.41
N GLY A 34 13.37 26.29 -1.60
CA GLY A 34 12.89 27.66 -1.50
C GLY A 34 11.39 27.60 -1.36
N GLN A 35 10.77 28.77 -1.17
CA GLN A 35 9.31 28.89 -1.06
C GLN A 35 8.75 27.93 0.00
N ALA A 36 9.35 27.95 1.18
CA ALA A 36 8.93 27.06 2.27
C ALA A 36 9.27 27.72 3.58
N ASP A 37 8.66 27.25 4.67
CA ASP A 37 9.00 27.70 6.01
C ASP A 37 10.49 27.59 6.26
N ILE A 38 11.07 26.47 5.83
CA ILE A 38 12.48 26.19 6.05
C ILE A 38 13.11 25.94 4.69
N GLU A 39 14.10 26.76 4.33
CA GLU A 39 14.75 26.65 3.02
C GLU A 39 16.09 25.99 3.25
N ALA A 40 16.25 24.81 2.66
CA ALA A 40 17.45 24.02 2.88
C ALA A 40 17.68 23.08 1.71
N ASP A 41 18.95 22.84 1.42
CA ASP A 41 19.37 21.96 0.35
C ASP A 41 19.64 20.56 0.94
N LEU A 42 18.67 19.66 0.77
CA LEU A 42 18.76 18.35 1.38
C LEU A 42 19.72 17.39 0.68
N SER A 43 20.44 17.88 -0.33
CA SER A 43 21.43 17.06 -1.03
C SER A 43 22.84 17.11 -0.42
N THR A 44 23.02 17.89 0.66
CA THR A 44 24.32 17.88 1.37
C THR A 44 24.14 17.71 2.87
N PRO A 45 25.17 17.14 3.55
CA PRO A 45 25.06 16.98 5.00
C PRO A 45 24.76 18.30 5.69
N GLY A 46 25.39 19.37 5.20
CA GLY A 46 25.15 20.71 5.75
C GLY A 46 23.73 21.19 5.64
N GLY A 47 23.13 21.04 4.46
CA GLY A 47 21.73 21.40 4.26
C GLY A 47 20.80 20.57 5.14
N ARG A 48 21.09 19.28 5.25
CA ARG A 48 20.25 18.44 6.08
C ARG A 48 20.30 18.89 7.55
N GLU A 49 21.50 19.24 8.01
CA GLU A 49 21.74 19.68 9.39
C GLU A 49 20.92 20.92 9.69
N THR A 50 20.95 21.87 8.76
CA THR A 50 20.16 23.09 8.85
C THR A 50 18.69 22.77 8.95
N ALA A 51 18.20 21.93 8.04
CA ALA A 51 16.80 21.53 8.03
C ALA A 51 16.37 20.90 9.37
N VAL A 52 17.15 19.94 9.87
CA VAL A 52 16.82 19.26 11.12
C VAL A 52 16.72 20.26 12.28
N ALA A 53 17.77 21.09 12.42
CA ALA A 53 17.80 22.09 13.51
C ALA A 53 16.61 23.04 13.42
N ALA A 54 16.30 23.47 12.20
CA ALA A 54 15.18 24.37 11.96
C ALA A 54 13.83 23.73 12.27
N VAL A 55 13.65 22.47 11.86
CA VAL A 55 12.42 21.77 12.22
C VAL A 55 12.29 21.66 13.75
N LEU A 56 13.36 21.23 14.43
CA LEU A 56 13.32 21.10 15.90
C LEU A 56 12.92 22.41 16.57
N ASP A 57 13.50 23.51 16.09
CA ASP A 57 13.16 24.81 16.65
C ASP A 57 11.67 25.09 16.44
N ARG A 58 11.18 24.86 15.23
CA ARG A 58 9.78 25.20 14.92
C ARG A 58 8.75 24.36 15.68
N CYS A 59 9.10 23.12 15.99
CA CYS A 59 8.14 22.25 16.67
C CYS A 59 8.42 22.08 18.16
N GLY A 60 9.41 22.80 18.67
CA GLY A 60 9.79 22.69 20.06
C GLY A 60 10.30 21.32 20.42
N GLY A 61 10.92 20.65 19.46
CA GLY A 61 11.51 19.33 19.70
C GLY A 61 10.51 18.20 19.90
N VAL A 62 9.24 18.46 19.53
CA VAL A 62 8.15 17.47 19.56
C VAL A 62 7.39 17.47 18.22
N LEU A 63 7.40 16.32 17.55
CA LEU A 63 6.86 16.21 16.21
C LEU A 63 5.85 15.07 16.17
N ASP A 64 4.69 15.30 15.61
CA ASP A 64 3.72 14.20 15.48
C ASP A 64 3.78 13.50 14.13
N GLY A 65 4.38 14.14 13.13
CA GLY A 65 4.39 13.55 11.79
C GLY A 65 5.57 14.06 10.99
N LEU A 66 6.14 13.20 10.16
CA LEU A 66 7.21 13.61 9.23
C LEU A 66 6.96 12.91 7.90
N VAL A 67 6.98 13.68 6.81
CA VAL A 67 6.84 13.10 5.47
C VAL A 67 8.04 13.53 4.61
N CYS A 68 8.84 12.55 4.19
CA CYS A 68 10.02 12.79 3.37
C CYS A 68 9.63 12.64 1.91
N CYS A 69 9.29 13.78 1.32
CA CYS A 69 8.74 13.81 -0.04
C CYS A 69 9.72 14.48 -1.04
N ALA A 70 10.68 15.26 -0.54
CA ALA A 70 11.68 15.88 -1.45
C ALA A 70 12.36 14.80 -2.29
N GLY A 71 12.44 15.01 -3.59
CA GLY A 71 13.16 14.08 -4.44
C GLY A 71 13.37 14.64 -5.81
N VAL A 72 14.27 14.00 -6.55
CA VAL A 72 14.55 14.41 -7.90
C VAL A 72 14.43 13.18 -8.80
N GLY A 73 14.14 13.43 -10.07
CA GLY A 73 13.96 12.33 -11.02
C GLY A 73 15.06 12.26 -12.06
N VAL A 74 14.77 11.60 -13.16
CA VAL A 74 15.81 11.33 -14.14
C VAL A 74 16.41 12.57 -14.83
N THR A 75 15.76 13.73 -14.72
CA THR A 75 16.34 14.97 -15.26
C THR A 75 17.22 15.75 -14.25
N ALA A 76 17.53 15.13 -13.10
CA ALA A 76 18.46 15.74 -12.15
C ALA A 76 19.84 15.95 -12.78
N ALA A 77 20.62 16.82 -12.16
CA ALA A 77 21.95 17.23 -12.63
C ALA A 77 22.85 16.04 -12.93
N ASN A 78 22.87 15.07 -12.03
CA ASN A 78 23.69 13.89 -12.20
C ASN A 78 23.22 12.77 -11.27
N SER A 79 23.77 11.57 -11.46
CA SER A 79 23.39 10.43 -10.62
C SER A 79 23.73 10.63 -9.15
N GLY A 80 24.84 11.31 -8.88
CA GLY A 80 25.25 11.57 -7.49
C GLY A 80 24.20 12.39 -6.75
N LEU A 81 23.61 13.35 -7.45
CA LEU A 81 22.64 14.23 -6.81
C LEU A 81 21.38 13.43 -6.45
N VAL A 82 20.96 12.55 -7.36
CA VAL A 82 19.80 11.68 -7.16
C VAL A 82 19.94 10.88 -5.85
N VAL A 83 21.10 10.25 -5.66
CA VAL A 83 21.35 9.50 -4.45
C VAL A 83 21.40 10.40 -3.21
N ALA A 84 22.05 11.55 -3.33
CA ALA A 84 22.19 12.44 -2.18
C ALA A 84 20.84 12.90 -1.66
N VAL A 85 19.93 13.22 -2.58
CA VAL A 85 18.62 13.73 -2.17
C VAL A 85 17.68 12.58 -1.86
N ASN A 86 17.53 11.65 -2.79
CA ASN A 86 16.48 10.64 -2.64
C ASN A 86 16.74 9.65 -1.53
N TYR A 87 18.01 9.38 -1.26
CA TYR A 87 18.34 8.50 -0.15
C TYR A 87 18.74 9.29 1.10
N PHE A 88 19.83 10.04 1.01
CA PHE A 88 20.41 10.68 2.20
C PHE A 88 19.62 11.88 2.70
N GLY A 89 18.94 12.59 1.81
CA GLY A 89 17.99 13.65 2.26
C GLY A 89 16.81 13.12 3.08
N VAL A 90 16.47 11.86 2.86
CA VAL A 90 15.46 11.17 3.64
C VAL A 90 16.08 10.62 4.92
N SER A 91 17.14 9.83 4.76
CA SER A 91 17.65 9.10 5.93
C SER A 91 18.15 10.06 7.01
N ALA A 92 18.79 11.14 6.61
CA ALA A 92 19.35 12.07 7.61
C ALA A 92 18.25 12.81 8.35
N LEU A 93 17.12 13.05 7.68
CA LEU A 93 15.99 13.69 8.35
C LEU A 93 15.31 12.73 9.29
N LEU A 94 15.15 11.47 8.88
CA LEU A 94 14.65 10.43 9.80
C LEU A 94 15.57 10.32 11.02
N ASP A 95 16.89 10.23 10.80
CA ASP A 95 17.88 10.08 11.88
C ASP A 95 17.73 11.25 12.86
N GLY A 96 17.74 12.46 12.32
CA GLY A 96 17.77 13.70 13.10
C GLY A 96 16.51 14.05 13.85
N LEU A 97 15.38 13.56 13.34
CA LEU A 97 14.07 13.88 13.92
C LEU A 97 13.42 12.69 14.64
N ALA A 98 14.11 11.55 14.70
CA ALA A 98 13.60 10.35 15.39
C ALA A 98 13.21 10.63 16.84
N GLU A 99 14.06 11.38 17.54
CA GLU A 99 13.80 11.68 18.95
C GLU A 99 12.58 12.59 19.11
N ALA A 100 12.51 13.64 18.30
CA ALA A 100 11.33 14.51 18.29
C ALA A 100 10.04 13.74 17.99
N LEU A 101 10.08 12.85 17.01
CA LEU A 101 8.92 12.01 16.70
C LEU A 101 8.54 11.14 17.89
N SER A 102 9.53 10.56 18.56
CA SER A 102 9.28 9.68 19.69
C SER A 102 8.52 10.41 20.81
N ARG A 103 8.64 11.73 20.83
CA ARG A 103 8.03 12.57 21.86
C ARG A 103 6.62 13.05 21.47
N GLY A 104 6.23 12.83 20.22
CA GLY A 104 4.92 13.28 19.75
C GLY A 104 3.78 12.37 20.17
N GLN A 105 2.58 12.70 19.71
CA GLN A 105 1.38 11.94 20.06
C GLN A 105 0.89 11.09 18.88
N GLN A 106 0.84 9.77 19.08
CA GLN A 106 0.54 8.84 17.99
C GLN A 106 1.40 9.17 16.77
N PRO A 107 2.72 9.29 16.98
CA PRO A 107 3.56 9.83 15.90
C PRO A 107 3.77 8.82 14.77
N ALA A 108 3.99 9.35 13.57
CA ALA A 108 4.15 8.47 12.41
C ALA A 108 4.94 9.22 11.36
N ALA A 109 5.62 8.46 10.51
CA ALA A 109 6.41 9.04 9.43
C ALA A 109 6.10 8.30 8.13
N VAL A 110 6.21 9.01 7.00
CA VAL A 110 6.03 8.38 5.69
C VAL A 110 7.16 8.82 4.75
N ILE A 111 7.74 7.84 4.06
CA ILE A 111 8.69 8.12 2.99
C ILE A 111 7.95 7.98 1.68
N VAL A 112 8.15 8.95 0.79
CA VAL A 112 7.62 8.83 -0.56
C VAL A 112 8.66 8.13 -1.43
N GLY A 113 8.40 6.85 -1.70
CA GLY A 113 9.26 6.04 -2.56
C GLY A 113 8.90 6.20 -4.03
N SER A 114 8.77 5.07 -4.72
CA SER A 114 8.48 5.03 -6.15
C SER A 114 8.33 3.60 -6.62
N ILE A 115 7.45 3.40 -7.60
CA ILE A 115 7.34 2.13 -8.28
C ILE A 115 8.68 1.81 -8.96
N ALA A 116 9.51 2.84 -9.19
CA ALA A 116 10.84 2.62 -9.79
C ALA A 116 11.68 1.70 -8.90
N ALA A 117 11.35 1.64 -7.60
CA ALA A 117 12.04 0.73 -6.69
C ALA A 117 11.98 -0.73 -7.15
N THR A 118 10.97 -1.07 -7.96
CA THR A 118 10.71 -2.46 -8.33
C THR A 118 11.35 -2.81 -9.68
N GLN A 119 12.06 -1.85 -10.26
CA GLN A 119 12.74 -2.06 -11.55
C GLN A 119 13.62 -3.30 -11.47
N PRO A 120 13.55 -4.19 -12.49
CA PRO A 120 14.40 -5.37 -12.41
C PRO A 120 15.89 -5.03 -12.27
N GLY A 121 16.57 -5.72 -11.38
CA GLY A 121 18.00 -5.52 -11.16
C GLY A 121 18.35 -4.40 -10.19
N ALA A 122 17.36 -3.61 -9.77
CA ALA A 122 17.64 -2.48 -8.86
C ALA A 122 18.28 -2.95 -7.57
N ALA A 123 17.83 -4.10 -7.07
CA ALA A 123 18.31 -4.59 -5.80
C ALA A 123 19.79 -4.91 -5.84
N GLU A 124 20.30 -5.28 -7.02
CA GLU A 124 21.70 -5.69 -7.13
C GLU A 124 22.66 -4.61 -7.58
N LEU A 125 22.17 -3.39 -7.77
CA LEU A 125 23.05 -2.26 -8.08
C LEU A 125 24.02 -2.02 -6.92
N PRO A 126 25.33 -1.93 -7.23
CA PRO A 126 26.30 -1.71 -6.15
C PRO A 126 26.00 -0.50 -5.26
N MET A 127 25.48 0.57 -5.87
CA MET A 127 25.21 1.80 -5.11
C MET A 127 24.22 1.54 -3.97
N VAL A 128 23.32 0.57 -4.17
CA VAL A 128 22.35 0.21 -3.14
C VAL A 128 23.01 -0.25 -1.83
N GLU A 129 24.02 -1.11 -1.94
CA GLU A 129 24.74 -1.55 -0.75
C GLU A 129 25.40 -0.38 0.00
N ALA A 130 25.98 0.55 -0.75
CA ALA A 130 26.62 1.70 -0.14
C ALA A 130 25.61 2.61 0.54
N MET A 131 24.45 2.79 -0.10
CA MET A 131 23.38 3.53 0.54
C MET A 131 22.97 2.89 1.86
N LEU A 132 22.70 1.59 1.85
CA LEU A 132 22.22 0.93 3.05
C LEU A 132 23.28 0.89 4.16
N ALA A 133 24.55 0.91 3.76
CA ALA A 133 25.68 1.05 4.71
C ALA A 133 25.84 2.48 5.24
N GLY A 134 25.17 3.43 4.60
CA GLY A 134 25.25 4.83 5.03
C GLY A 134 26.49 5.55 4.56
N ASP A 135 27.21 4.95 3.60
CA ASP A 135 28.47 5.53 3.08
C ASP A 135 28.15 6.42 1.91
N GLU A 136 27.88 7.69 2.19
CA GLU A 136 27.37 8.57 1.16
C GLU A 136 28.41 8.83 0.07
N ALA A 137 29.67 9.03 0.45
CA ALA A 137 30.68 9.29 -0.57
C ALA A 137 30.79 8.11 -1.54
N ARG A 138 30.77 6.90 -0.98
CA ARG A 138 30.87 5.69 -1.80
C ARG A 138 29.64 5.51 -2.70
N ALA A 139 28.45 5.77 -2.15
CA ALA A 139 27.21 5.63 -2.92
C ALA A 139 27.22 6.61 -4.10
N ILE A 140 27.63 7.85 -3.85
CA ILE A 140 27.69 8.86 -4.90
C ILE A 140 28.72 8.46 -5.99
N GLU A 141 29.87 7.99 -5.56
CA GLU A 141 30.89 7.54 -6.51
C GLU A 141 30.34 6.40 -7.39
N LEU A 142 29.76 5.39 -6.75
CA LEU A 142 29.17 4.25 -7.47
C LEU A 142 28.06 4.69 -8.42
N ALA A 143 27.22 5.62 -7.95
CA ALA A 143 26.13 6.15 -8.78
C ALA A 143 26.69 6.81 -10.03
N GLU A 144 27.73 7.61 -9.84
CA GLU A 144 28.39 8.29 -10.97
C GLU A 144 28.99 7.28 -11.95
N GLN A 145 29.68 6.27 -11.42
CA GLN A 145 30.26 5.21 -12.26
C GLN A 145 29.21 4.36 -12.97
N GLN A 146 28.05 4.18 -12.35
CA GLN A 146 26.99 3.39 -12.97
C GLN A 146 26.50 4.11 -14.23
N GLY A 147 26.58 5.44 -14.18
CA GLY A 147 26.37 6.26 -15.38
C GLY A 147 25.04 6.78 -15.90
N GLN A 148 23.94 6.37 -15.28
CA GLN A 148 22.64 6.76 -15.80
C GLN A 148 21.68 7.16 -14.70
N THR A 149 21.08 8.33 -14.83
CA THR A 149 20.23 8.81 -13.75
C THR A 149 19.06 7.87 -13.42
N HIS A 150 18.53 7.17 -14.42
CA HIS A 150 17.42 6.27 -14.12
C HIS A 150 17.81 5.13 -13.18
N LEU A 151 19.08 4.71 -13.23
CA LEU A 151 19.58 3.66 -12.38
C LEU A 151 19.80 4.22 -10.99
N ALA A 152 20.26 5.45 -10.91
CA ALA A 152 20.37 6.11 -9.60
C ALA A 152 18.99 6.35 -9.01
N TYR A 153 18.01 6.67 -9.85
CA TYR A 153 16.64 6.84 -9.38
C TYR A 153 16.04 5.54 -8.81
N ALA A 154 16.08 4.47 -9.59
CA ALA A 154 15.61 3.17 -9.13
C ALA A 154 16.40 2.70 -7.92
N GLY A 155 17.73 2.86 -7.97
CA GLY A 155 18.59 2.40 -6.87
C GLY A 155 18.24 3.14 -5.59
N SER A 156 18.08 4.45 -5.69
CA SER A 156 17.87 5.25 -4.48
C SER A 156 16.50 4.94 -3.89
N LYS A 157 15.52 4.73 -4.78
CA LYS A 157 14.16 4.47 -4.33
C LYS A 157 14.06 3.06 -3.74
N TYR A 158 14.75 2.11 -4.36
CA TYR A 158 14.87 0.77 -3.79
C TYR A 158 15.49 0.83 -2.40
N ALA A 159 16.67 1.45 -2.30
CA ALA A 159 17.40 1.51 -1.06
C ALA A 159 16.60 2.16 0.07
N VAL A 160 15.95 3.29 -0.21
CA VAL A 160 15.26 4.03 0.84
C VAL A 160 14.02 3.24 1.30
N THR A 161 13.43 2.47 0.38
CA THR A 161 12.30 1.58 0.76
C THR A 161 12.75 0.46 1.68
N CYS A 162 13.87 -0.18 1.32
CA CYS A 162 14.54 -1.17 2.18
C CYS A 162 14.90 -0.64 3.55
N LEU A 163 15.40 0.59 3.56
CA LEU A 163 15.78 1.27 4.80
C LEU A 163 14.60 1.33 5.77
N ALA A 164 13.43 1.77 5.27
CA ALA A 164 12.23 1.85 6.10
C ALA A 164 11.90 0.48 6.72
N ARG A 165 11.97 -0.55 5.89
CA ARG A 165 11.63 -1.90 6.34
C ARG A 165 12.70 -2.48 7.27
N ARG A 166 13.96 -2.21 6.95
CA ARG A 166 15.05 -2.74 7.77
C ARG A 166 15.01 -2.22 9.20
N ASN A 167 14.61 -0.96 9.35
CA ASN A 167 14.62 -0.27 10.66
C ASN A 167 13.27 -0.34 11.40
N VAL A 168 12.42 -1.27 10.99
CA VAL A 168 11.07 -1.43 11.52
C VAL A 168 11.04 -1.58 13.04
N VAL A 169 11.98 -2.35 13.57
CA VAL A 169 12.01 -2.57 15.03
C VAL A 169 12.48 -1.32 15.78
N ASP A 170 13.52 -0.65 15.28
CA ASP A 170 13.98 0.60 15.94
C ASP A 170 12.85 1.63 16.03
N TRP A 171 12.12 1.80 14.94
CA TRP A 171 10.96 2.73 14.95
C TRP A 171 9.83 2.30 15.88
N ALA A 172 9.51 1.01 15.90
CA ALA A 172 8.53 0.50 16.86
C ALA A 172 8.99 0.80 18.28
N GLY A 173 10.29 0.67 18.53
CA GLY A 173 10.80 0.84 19.89
C GLY A 173 10.67 2.28 20.36
N ARG A 174 10.70 3.21 19.41
CA ARG A 174 10.46 4.64 19.64
C ARG A 174 8.98 5.01 19.70
N GLY A 175 8.10 4.06 19.38
CA GLY A 175 6.65 4.27 19.42
C GLY A 175 6.18 5.04 18.21
N VAL A 176 6.95 4.96 17.13
CA VAL A 176 6.67 5.77 15.94
C VAL A 176 6.45 4.81 14.76
N ARG A 177 5.34 4.92 14.04
CA ARG A 177 5.16 4.08 12.86
C ARG A 177 5.91 4.68 11.68
N LEU A 178 6.37 3.83 10.78
CA LEU A 178 7.08 4.31 9.59
C LEU A 178 6.67 3.45 8.40
N ASN A 179 6.15 4.10 7.37
CA ASN A 179 5.65 3.41 6.19
C ASN A 179 6.16 4.10 4.94
N VAL A 180 6.02 3.44 3.79
CA VAL A 180 6.41 4.03 2.51
C VAL A 180 5.21 4.07 1.58
N VAL A 181 5.03 5.19 0.87
CA VAL A 181 4.06 5.26 -0.22
C VAL A 181 4.85 5.19 -1.51
N ALA A 182 4.41 4.34 -2.43
CA ALA A 182 5.11 4.15 -3.69
C ALA A 182 4.21 4.56 -4.85
N PRO A 183 4.33 5.82 -5.28
CA PRO A 183 3.52 6.29 -6.40
C PRO A 183 3.99 5.71 -7.73
N GLY A 184 3.05 5.57 -8.67
CA GLY A 184 3.38 5.35 -10.06
C GLY A 184 3.36 6.78 -10.60
N ALA A 185 3.03 6.95 -11.87
CA ALA A 185 3.07 8.30 -12.46
C ALA A 185 2.12 9.29 -11.79
N VAL A 186 2.63 10.49 -11.46
CA VAL A 186 1.79 11.51 -10.89
C VAL A 186 2.05 12.92 -11.45
N GLU A 187 1.05 13.79 -11.65
CA GLU A 187 0.92 14.68 -12.85
C GLU A 187 1.42 15.73 -11.83
N THR A 188 2.72 15.78 -11.54
CA THR A 188 3.54 16.97 -11.36
C THR A 188 4.64 17.48 -12.29
N PRO A 189 5.30 18.60 -11.91
CA PRO A 189 6.41 19.09 -12.73
C PRO A 189 7.52 18.05 -12.93
N LEU A 190 7.70 17.15 -11.97
CA LEU A 190 8.69 16.09 -12.11
C LEU A 190 8.31 15.15 -13.27
N LEU A 191 7.07 14.68 -13.29
CA LEU A 191 6.64 13.83 -14.42
C LEU A 191 6.70 14.59 -15.74
N GLN A 192 6.26 15.85 -15.75
CA GLN A 192 6.28 16.57 -17.03
C GLN A 192 7.71 16.69 -17.59
N ALA A 193 8.68 16.88 -16.70
CA ALA A 193 10.08 16.97 -17.09
C ALA A 193 10.56 15.64 -17.71
N SER A 194 10.17 14.52 -17.09
CA SER A 194 10.52 13.21 -17.64
C SER A 194 9.89 12.98 -18.99
N LYS A 195 8.61 13.35 -19.13
CA LYS A 195 7.85 13.13 -20.36
C LYS A 195 8.48 13.85 -21.56
N ALA A 196 9.10 15.00 -21.28
CA ALA A 196 9.67 15.85 -22.33
C ALA A 196 11.16 15.61 -22.55
N ASP A 197 11.79 14.79 -21.71
CA ASP A 197 13.23 14.54 -21.81
C ASP A 197 13.59 13.74 -23.06
N PRO A 198 14.61 14.20 -23.81
CA PRO A 198 15.11 13.47 -24.99
C PRO A 198 15.43 11.99 -24.68
N ARG A 199 16.21 11.75 -23.63
CA ARG A 199 16.63 10.39 -23.28
C ARG A 199 15.49 9.51 -22.72
N TYR A 200 14.74 10.04 -21.76
CA TYR A 200 13.73 9.22 -21.04
C TYR A 200 12.24 9.42 -21.39
N GLY A 201 11.92 10.34 -22.29
CA GLY A 201 10.52 10.63 -22.62
C GLY A 201 9.73 9.45 -23.15
N GLU A 202 10.31 8.72 -24.09
CA GLU A 202 9.63 7.55 -24.68
C GLU A 202 9.38 6.52 -23.59
N SER A 203 10.42 6.27 -22.81
CA SER A 203 10.39 5.38 -21.66
C SER A 203 9.25 5.79 -20.71
N THR A 204 9.17 7.08 -20.45
CA THR A 204 8.17 7.60 -19.53
C THR A 204 6.75 7.48 -20.09
N ARG A 205 6.62 7.63 -21.40
CA ARG A 205 5.30 7.68 -22.03
C ARG A 205 4.87 6.29 -22.55
N ARG A 206 5.77 5.31 -22.52
CA ARG A 206 5.53 4.00 -23.16
C ARG A 206 4.26 3.25 -22.74
N PHE A 207 3.97 3.17 -21.43
CA PHE A 207 2.83 2.42 -20.91
C PHE A 207 2.05 3.21 -19.83
N VAL A 208 0.73 3.14 -19.85
CA VAL A 208 -0.09 3.84 -18.87
C VAL A 208 -0.62 2.82 -17.85
N ALA A 209 -0.91 3.26 -16.63
CA ALA A 209 -1.44 2.33 -15.62
C ALA A 209 -2.84 1.83 -16.00
N PRO A 210 -3.25 0.66 -15.47
CA PRO A 210 -4.62 0.17 -15.71
C PRO A 210 -5.76 1.18 -15.55
N LEU A 211 -5.68 2.08 -14.57
CA LEU A 211 -6.69 3.12 -14.38
C LEU A 211 -6.76 4.15 -15.53
N GLY A 212 -5.78 4.11 -16.42
CA GLY A 212 -5.84 4.84 -17.68
C GLY A 212 -5.46 6.31 -17.62
N ARG A 213 -4.79 6.71 -16.55
CA ARG A 213 -4.40 8.10 -16.34
C ARG A 213 -3.31 8.12 -15.29
N GLY A 214 -2.66 9.28 -15.13
CA GLY A 214 -1.76 9.47 -14.00
C GLY A 214 -2.50 9.92 -12.75
N SER A 215 -1.84 9.86 -11.59
CA SER A 215 -2.45 10.29 -10.34
C SER A 215 -2.48 11.82 -10.29
N GLU A 216 -3.44 12.38 -9.56
CA GLU A 216 -3.31 13.79 -9.22
C GLU A 216 -2.50 13.80 -7.91
N PRO A 217 -1.67 14.84 -7.70
CA PRO A 217 -0.87 14.83 -6.47
C PRO A 217 -1.72 14.65 -5.20
N ARG A 218 -2.93 15.21 -5.18
CA ARG A 218 -3.78 15.09 -4.02
C ARG A 218 -4.13 13.62 -3.71
N GLU A 219 -4.19 12.77 -4.73
CA GLU A 219 -4.54 11.34 -4.51
C GLU A 219 -3.41 10.64 -3.75
N VAL A 220 -2.18 11.01 -4.07
CA VAL A 220 -1.03 10.50 -3.30
C VAL A 220 -1.03 11.10 -1.89
N ALA A 221 -1.33 12.40 -1.79
CA ALA A 221 -1.40 13.04 -0.49
C ALA A 221 -2.41 12.36 0.44
N GLU A 222 -3.55 11.92 -0.12
CA GLU A 222 -4.58 11.28 0.71
C GLU A 222 -4.06 9.99 1.29
N ALA A 223 -3.35 9.20 0.48
CA ALA A 223 -2.72 7.97 0.99
C ALA A 223 -1.69 8.26 2.09
N ILE A 224 -0.89 9.29 1.90
CA ILE A 224 0.08 9.66 2.93
C ILE A 224 -0.62 10.10 4.23
N ALA A 225 -1.65 10.93 4.10
CA ALA A 225 -2.38 11.43 5.27
C ALA A 225 -3.01 10.26 6.03
N PHE A 226 -3.53 9.28 5.29
CA PHE A 226 -4.08 8.09 5.94
C PHE A 226 -3.03 7.38 6.78
N LEU A 227 -1.86 7.15 6.19
CA LEU A 227 -0.79 6.42 6.90
C LEU A 227 -0.25 7.20 8.07
N LEU A 228 -0.35 8.52 8.02
CA LEU A 228 0.08 9.37 9.15
C LEU A 228 -0.84 9.30 10.36
N GLY A 229 -2.11 9.04 10.05
CA GLY A 229 -3.20 9.16 11.03
C GLY A 229 -3.52 7.95 11.87
N PRO A 230 -4.43 8.12 12.86
CA PRO A 230 -4.75 7.09 13.85
C PRO A 230 -5.56 5.92 13.28
N GLN A 231 -6.12 6.09 12.10
CA GLN A 231 -6.83 4.99 11.43
C GLN A 231 -5.84 4.01 10.77
N ALA A 232 -4.55 4.34 10.85
CA ALA A 232 -3.51 3.43 10.39
C ALA A 232 -2.65 2.89 11.54
N SER A 233 -3.25 2.79 12.73
CA SER A 233 -2.52 2.53 13.98
C SER A 233 -1.76 1.19 14.03
N PHE A 234 -2.14 0.21 13.19
CA PHE A 234 -1.42 -1.08 13.18
C PHE A 234 -0.67 -1.30 11.86
N ILE A 235 -0.53 -0.24 11.07
CA ILE A 235 0.19 -0.34 9.80
C ILE A 235 1.62 0.21 10.02
N HIS A 236 2.63 -0.64 9.86
CA HIS A 236 3.99 -0.23 10.14
C HIS A 236 4.95 -1.05 9.25
N GLY A 237 5.94 -0.39 8.66
CA GLY A 237 6.88 -1.03 7.73
C GLY A 237 6.25 -1.44 6.41
N SER A 238 5.00 -1.01 6.15
CA SER A 238 4.33 -1.39 4.91
C SER A 238 4.71 -0.47 3.77
N VAL A 239 4.63 -1.02 2.55
CA VAL A 239 4.80 -0.23 1.34
C VAL A 239 3.44 -0.17 0.63
N LEU A 240 2.87 1.03 0.57
CA LEU A 240 1.54 1.17 -0.04
C LEU A 240 1.72 1.70 -1.44
N PHE A 241 1.45 0.87 -2.44
CA PHE A 241 1.53 1.33 -3.84
C PHE A 241 0.30 2.19 -4.14
N VAL A 242 0.51 3.33 -4.81
CA VAL A 242 -0.56 4.28 -5.16
C VAL A 242 -0.31 4.59 -6.63
N ASP A 243 -0.64 3.60 -7.45
CA ASP A 243 -0.18 3.58 -8.83
C ASP A 243 -1.22 3.18 -9.89
N GLY A 244 -2.49 3.21 -9.52
CA GLY A 244 -3.54 2.91 -10.51
C GLY A 244 -3.46 1.51 -11.10
N GLY A 245 -2.81 0.59 -10.41
CA GLY A 245 -2.72 -0.81 -10.85
C GLY A 245 -1.44 -1.21 -11.56
N MET A 246 -0.51 -0.26 -11.70
CA MET A 246 0.71 -0.54 -12.52
C MET A 246 1.54 -1.67 -11.96
N ASP A 247 1.81 -1.67 -10.65
CA ASP A 247 2.63 -2.74 -10.08
C ASP A 247 1.92 -4.10 -10.11
N ALA A 248 0.62 -4.11 -9.85
CA ALA A 248 -0.13 -5.36 -9.95
C ALA A 248 -0.08 -5.89 -11.39
N LEU A 249 -0.12 -4.99 -12.37
CA LEU A 249 -0.03 -5.42 -13.79
C LEU A 249 1.35 -6.00 -14.12
N MET A 250 2.39 -5.35 -13.61
CA MET A 250 3.75 -5.71 -14.03
C MET A 250 4.41 -6.79 -13.16
N ARG A 251 3.91 -6.97 -11.94
CA ARG A 251 4.47 -7.98 -11.02
C ARG A 251 3.34 -8.63 -10.25
N ALA A 252 2.46 -9.34 -10.96
CA ALA A 252 1.21 -9.81 -10.38
C ALA A 252 1.39 -10.74 -9.17
N LYS A 253 2.48 -11.50 -9.13
CA LYS A 253 2.65 -12.50 -8.07
C LYS A 253 3.62 -12.08 -6.97
N THR A 254 4.04 -10.82 -7.00
CA THR A 254 4.97 -10.30 -6.00
C THR A 254 4.30 -9.51 -4.90
N PHE A 255 4.42 -10.00 -3.67
CA PHE A 255 3.91 -9.33 -2.48
C PHE A 255 4.44 -10.09 -1.29
N SER B 2 -22.92 5.21 0.70
CA SER B 2 -22.64 4.04 -0.17
C SER B 2 -23.31 2.78 0.35
N VAL B 3 -23.65 1.89 -0.57
CA VAL B 3 -24.20 0.57 -0.25
C VAL B 3 -23.08 -0.45 -0.44
N ILE B 4 -22.70 -1.07 0.67
CA ILE B 4 -21.54 -1.94 0.70
C ILE B 4 -21.91 -3.33 1.17
N ALA B 5 -21.64 -4.36 0.35
CA ALA B 5 -21.88 -5.74 0.74
C ALA B 5 -20.65 -6.29 1.45
N ILE B 6 -20.83 -7.03 2.53
CA ILE B 6 -19.69 -7.60 3.29
C ILE B 6 -19.94 -9.08 3.55
N THR B 7 -19.08 -9.97 3.05
CA THR B 7 -19.16 -11.38 3.46
C THR B 7 -18.42 -11.58 4.78
N GLY B 8 -18.88 -12.52 5.60
CA GLY B 8 -18.30 -12.70 6.96
C GLY B 8 -18.69 -11.56 7.92
N SER B 9 -19.88 -11.01 7.70
CA SER B 9 -20.31 -9.80 8.40
C SER B 9 -20.69 -10.07 9.86
N ALA B 10 -20.82 -11.35 10.20
CA ALA B 10 -21.38 -11.72 11.50
C ALA B 10 -20.34 -11.89 12.61
N SER B 11 -19.06 -11.83 12.28
CA SER B 11 -18.02 -11.98 13.31
C SER B 11 -16.75 -11.28 12.92
N GLY B 12 -15.82 -11.19 13.87
CA GLY B 12 -14.48 -10.72 13.59
C GLY B 12 -14.34 -9.45 12.78
N ILE B 13 -13.47 -9.49 11.76
CA ILE B 13 -13.17 -8.29 10.98
C ILE B 13 -14.42 -7.80 10.24
N GLY B 14 -15.20 -8.74 9.67
CA GLY B 14 -16.42 -8.39 8.93
C GLY B 14 -17.41 -7.63 9.81
N ALA B 15 -17.56 -8.14 11.04
CA ALA B 15 -18.47 -7.51 12.00
C ALA B 15 -17.97 -6.12 12.43
N ALA B 16 -16.66 -5.98 12.65
CA ALA B 16 -16.08 -4.68 12.99
C ALA B 16 -16.27 -3.69 11.86
N LEU B 17 -16.09 -4.17 10.63
CA LEU B 17 -16.29 -3.32 9.43
C LEU B 17 -17.75 -2.92 9.32
N LYS B 18 -18.65 -3.87 9.54
CA LYS B 18 -20.09 -3.60 9.47
C LYS B 18 -20.42 -2.44 10.42
N GLU B 19 -19.96 -2.55 11.66
CA GLU B 19 -20.20 -1.53 12.67
C GLU B 19 -19.60 -0.18 12.27
N LEU B 20 -18.34 -0.21 11.83
CA LEU B 20 -17.64 1.00 11.43
C LEU B 20 -18.40 1.73 10.32
N LEU B 21 -18.78 1.00 9.28
CA LEU B 21 -19.40 1.61 8.12
C LEU B 21 -20.79 2.14 8.49
N ALA B 22 -21.53 1.38 9.30
CA ALA B 22 -22.86 1.82 9.74
C ALA B 22 -22.73 3.12 10.55
N ARG B 23 -21.78 3.18 11.47
CA ARG B 23 -21.60 4.38 12.28
C ARG B 23 -21.21 5.58 11.42
N ALA B 24 -20.55 5.30 10.30
CA ALA B 24 -20.05 6.34 9.40
C ALA B 24 -21.09 6.81 8.37
N GLY B 25 -22.28 6.21 8.42
CA GLY B 25 -23.37 6.66 7.57
C GLY B 25 -23.63 5.81 6.32
N HIS B 26 -22.86 4.75 6.13
CA HIS B 26 -23.07 3.88 4.97
C HIS B 26 -24.15 2.81 5.19
N THR B 27 -24.57 2.18 4.11
CA THR B 27 -25.55 1.12 4.16
C THR B 27 -24.84 -0.20 3.94
N VAL B 28 -25.05 -1.17 4.83
CA VAL B 28 -24.31 -2.41 4.77
C VAL B 28 -25.26 -3.56 4.47
N ILE B 29 -24.91 -4.36 3.46
CA ILE B 29 -25.60 -5.62 3.21
C ILE B 29 -24.68 -6.73 3.73
N GLY B 30 -25.11 -7.37 4.81
CA GLY B 30 -24.31 -8.39 5.46
C GLY B 30 -24.64 -9.78 4.91
N ILE B 31 -23.58 -10.53 4.60
CA ILE B 31 -23.70 -11.90 4.11
C ILE B 31 -22.85 -12.80 4.98
N ASP B 32 -23.46 -13.84 5.56
CA ASP B 32 -22.69 -14.77 6.37
C ASP B 32 -23.44 -16.09 6.51
N ARG B 33 -22.83 -17.06 7.16
CA ARG B 33 -23.48 -18.35 7.40
C ARG B 33 -24.75 -18.21 8.27
N GLY B 34 -24.70 -17.33 9.26
CA GLY B 34 -25.86 -17.00 10.08
C GLY B 34 -25.83 -15.54 10.53
N GLN B 35 -26.87 -15.13 11.26
CA GLN B 35 -26.97 -13.78 11.83
C GLN B 35 -26.61 -12.67 10.83
N ALA B 36 -27.26 -12.69 9.67
CA ALA B 36 -26.91 -11.72 8.63
C ALA B 36 -28.12 -11.40 7.80
N ASP B 37 -28.06 -10.28 7.07
CA ASP B 37 -29.13 -9.92 6.16
C ASP B 37 -29.39 -11.06 5.18
N ILE B 38 -28.31 -11.65 4.69
CA ILE B 38 -28.33 -12.71 3.71
C ILE B 38 -27.54 -13.87 4.27
N GLU B 39 -28.23 -14.97 4.51
CA GLU B 39 -27.58 -16.12 5.13
C GLU B 39 -27.31 -17.17 4.07
N ALA B 40 -26.05 -17.53 3.90
CA ALA B 40 -25.70 -18.43 2.81
C ALA B 40 -24.42 -19.20 3.13
N ASP B 41 -24.27 -20.35 2.50
CA ASP B 41 -23.08 -21.17 2.68
C ASP B 41 -22.22 -21.00 1.44
N LEU B 42 -21.11 -20.29 1.57
CA LEU B 42 -20.25 -19.93 0.43
C LEU B 42 -19.27 -21.03 0.04
N SER B 43 -19.40 -22.20 0.68
CA SER B 43 -18.55 -23.34 0.37
C SER B 43 -19.13 -24.19 -0.76
N THR B 44 -20.34 -23.84 -1.20
CA THR B 44 -20.99 -24.56 -2.30
C THR B 44 -21.35 -23.58 -3.42
N PRO B 45 -21.33 -24.06 -4.68
CA PRO B 45 -21.79 -23.23 -5.79
C PRO B 45 -23.22 -22.75 -5.60
N GLY B 46 -24.04 -23.55 -4.92
CA GLY B 46 -25.44 -23.22 -4.70
C GLY B 46 -25.61 -22.14 -3.65
N GLY B 47 -24.74 -22.17 -2.65
CA GLY B 47 -24.75 -21.15 -1.62
C GLY B 47 -24.28 -19.83 -2.21
N ARG B 48 -23.26 -19.90 -3.06
CA ARG B 48 -22.70 -18.71 -3.69
C ARG B 48 -23.74 -18.10 -4.62
N GLU B 49 -24.38 -18.96 -5.42
CA GLU B 49 -25.40 -18.53 -6.38
C GLU B 49 -26.53 -17.82 -5.64
N THR B 50 -26.99 -18.44 -4.55
CA THR B 50 -28.04 -17.88 -3.70
C THR B 50 -27.67 -16.52 -3.14
N ALA B 51 -26.44 -16.40 -2.69
CA ALA B 51 -25.97 -15.19 -2.05
C ALA B 51 -25.87 -14.09 -3.07
N VAL B 52 -25.33 -14.41 -4.25
CA VAL B 52 -25.19 -13.40 -5.31
C VAL B 52 -26.57 -12.88 -5.73
N ALA B 53 -27.51 -13.79 -5.95
CA ALA B 53 -28.88 -13.39 -6.34
C ALA B 53 -29.54 -12.54 -5.28
N ALA B 54 -29.33 -12.91 -4.02
CA ALA B 54 -29.92 -12.18 -2.90
C ALA B 54 -29.33 -10.77 -2.79
N VAL B 55 -28.03 -10.64 -2.99
CA VAL B 55 -27.41 -9.31 -2.96
C VAL B 55 -27.97 -8.44 -4.08
N LEU B 56 -28.00 -8.98 -5.30
CA LEU B 56 -28.47 -8.25 -6.46
C LEU B 56 -29.90 -7.79 -6.22
N ASP B 57 -30.72 -8.66 -5.66
CA ASP B 57 -32.11 -8.32 -5.34
C ASP B 57 -32.16 -7.15 -4.36
N ARG B 58 -31.39 -7.27 -3.27
CA ARG B 58 -31.36 -6.26 -2.23
C ARG B 58 -30.86 -4.90 -2.69
N CYS B 59 -29.90 -4.87 -3.62
CA CYS B 59 -29.33 -3.59 -4.03
C CYS B 59 -29.87 -3.12 -5.38
N GLY B 60 -30.81 -3.86 -5.95
CA GLY B 60 -31.39 -3.49 -7.24
C GLY B 60 -30.39 -3.50 -8.37
N GLY B 61 -29.41 -4.40 -8.28
CA GLY B 61 -28.44 -4.60 -9.34
C GLY B 61 -27.37 -3.51 -9.39
N VAL B 62 -27.31 -2.68 -8.36
CA VAL B 62 -26.33 -1.59 -8.29
C VAL B 62 -25.65 -1.57 -6.93
N LEU B 63 -24.33 -1.64 -6.92
CA LEU B 63 -23.57 -1.81 -5.68
C LEU B 63 -22.36 -0.86 -5.66
N ASP B 64 -22.08 -0.26 -4.51
CA ASP B 64 -20.98 0.70 -4.40
C ASP B 64 -19.70 0.07 -3.85
N GLY B 65 -19.84 -1.03 -3.10
CA GLY B 65 -18.65 -1.63 -2.51
C GLY B 65 -18.92 -3.08 -2.18
N LEU B 66 -17.84 -3.87 -2.18
CA LEU B 66 -17.90 -5.29 -1.82
C LEU B 66 -16.66 -5.63 -1.01
N VAL B 67 -16.85 -6.24 0.15
CA VAL B 67 -15.68 -6.75 0.90
C VAL B 67 -15.86 -8.22 1.14
N CYS B 68 -14.86 -9.02 0.78
CA CYS B 68 -14.93 -10.46 0.99
C CYS B 68 -14.06 -10.82 2.19
N CYS B 69 -14.73 -11.13 3.30
CA CYS B 69 -14.07 -11.44 4.58
C CYS B 69 -14.34 -12.86 5.02
N ALA B 70 -15.35 -13.50 4.44
CA ALA B 70 -15.72 -14.83 4.88
C ALA B 70 -14.52 -15.73 4.68
N GLY B 71 -14.24 -16.55 5.68
CA GLY B 71 -13.14 -17.48 5.61
C GLY B 71 -13.30 -18.53 6.69
N VAL B 72 -12.73 -19.69 6.47
CA VAL B 72 -12.57 -20.67 7.53
C VAL B 72 -11.08 -20.80 7.86
N ASN B 78 -11.66 -29.64 7.28
CA ASN B 78 -10.96 -30.36 6.23
C ASN B 78 -10.42 -29.38 5.21
N SER B 79 -9.48 -29.85 4.39
CA SER B 79 -8.78 -28.98 3.47
C SER B 79 -9.64 -28.52 2.28
N GLY B 80 -10.53 -29.40 1.83
CA GLY B 80 -11.45 -29.10 0.73
C GLY B 80 -12.31 -27.89 1.04
N LEU B 81 -12.84 -27.84 2.26
CA LEU B 81 -13.67 -26.73 2.72
C LEU B 81 -12.90 -25.42 2.71
N VAL B 82 -11.63 -25.48 3.14
CA VAL B 82 -10.79 -24.30 3.15
C VAL B 82 -10.65 -23.68 1.75
N VAL B 83 -10.42 -24.54 0.76
CA VAL B 83 -10.27 -24.08 -0.62
C VAL B 83 -11.61 -23.53 -1.14
N ALA B 84 -12.68 -24.25 -0.84
CA ALA B 84 -14.03 -23.88 -1.29
C ALA B 84 -14.46 -22.50 -0.78
N VAL B 85 -14.24 -22.23 0.51
CA VAL B 85 -14.62 -20.94 1.08
C VAL B 85 -13.63 -19.82 0.79
N ASN B 86 -12.35 -20.06 1.05
CA ASN B 86 -11.34 -19.00 1.06
C ASN B 86 -10.95 -18.55 -0.33
N TYR B 87 -11.11 -19.44 -1.31
CA TYR B 87 -10.83 -19.08 -2.70
C TYR B 87 -12.10 -18.91 -3.51
N PHE B 88 -12.85 -20.00 -3.69
CA PHE B 88 -14.00 -19.98 -4.59
C PHE B 88 -15.22 -19.19 -4.04
N GLY B 89 -15.37 -19.14 -2.72
CA GLY B 89 -16.40 -18.28 -2.10
C GLY B 89 -16.09 -16.79 -2.28
N VAL B 90 -14.82 -16.48 -2.52
CA VAL B 90 -14.44 -15.10 -2.81
C VAL B 90 -14.62 -14.83 -4.30
N SER B 91 -14.07 -15.72 -5.12
CA SER B 91 -14.06 -15.46 -6.56
C SER B 91 -15.48 -15.46 -7.14
N ALA B 92 -16.37 -16.29 -6.61
CA ALA B 92 -17.74 -16.37 -7.14
C ALA B 92 -18.49 -15.08 -6.82
N LEU B 93 -18.23 -14.55 -5.63
CA LEU B 93 -18.88 -13.31 -5.20
C LEU B 93 -18.34 -12.11 -6.00
N LEU B 94 -17.02 -12.01 -6.13
CA LEU B 94 -16.45 -10.97 -6.97
C LEU B 94 -17.01 -11.06 -8.39
N ASP B 95 -16.91 -12.23 -9.00
CA ASP B 95 -17.41 -12.39 -10.37
C ASP B 95 -18.91 -12.17 -10.53
N GLY B 96 -19.70 -12.66 -9.57
CA GLY B 96 -21.14 -12.51 -9.61
C GLY B 96 -21.64 -11.07 -9.43
N LEU B 97 -20.87 -10.27 -8.69
CA LEU B 97 -21.25 -8.90 -8.38
C LEU B 97 -20.49 -7.84 -9.17
N ALA B 98 -19.59 -8.24 -10.04
CA ALA B 98 -18.76 -7.29 -10.78
C ALA B 98 -19.61 -6.30 -11.61
N GLU B 99 -20.66 -6.81 -12.26
CA GLU B 99 -21.51 -5.94 -13.06
C GLU B 99 -22.21 -4.91 -12.18
N ALA B 100 -22.79 -5.38 -11.08
CA ALA B 100 -23.48 -4.45 -10.15
C ALA B 100 -22.51 -3.41 -9.61
N LEU B 101 -21.29 -3.84 -9.27
CA LEU B 101 -20.29 -2.86 -8.84
C LEU B 101 -19.97 -1.85 -9.94
N SER B 102 -19.92 -2.30 -11.19
CA SER B 102 -19.56 -1.40 -12.28
C SER B 102 -20.59 -0.29 -12.46
N ARG B 103 -21.80 -0.55 -11.95
CA ARG B 103 -22.92 0.40 -12.06
C ARG B 103 -22.98 1.38 -10.90
N GLY B 104 -22.16 1.15 -9.88
CA GLY B 104 -22.19 1.96 -8.65
C GLY B 104 -21.42 3.28 -8.69
N GLN B 105 -21.39 3.95 -7.55
CA GLN B 105 -20.79 5.27 -7.41
C GLN B 105 -19.40 5.14 -6.82
N GLN B 106 -18.38 5.51 -7.61
CA GLN B 106 -16.97 5.30 -7.25
C GLN B 106 -16.74 3.91 -6.61
N PRO B 107 -17.12 2.86 -7.34
CA PRO B 107 -17.18 1.53 -6.76
C PRO B 107 -15.79 0.97 -6.48
N ALA B 108 -15.71 0.16 -5.43
CA ALA B 108 -14.44 -0.46 -5.07
C ALA B 108 -14.70 -1.74 -4.29
N ALA B 109 -13.75 -2.66 -4.31
CA ALA B 109 -13.92 -3.89 -3.55
C ALA B 109 -12.60 -4.20 -2.85
N VAL B 110 -12.70 -4.96 -1.75
CA VAL B 110 -11.49 -5.35 -1.02
C VAL B 110 -11.60 -6.81 -0.66
N ILE B 111 -10.50 -7.55 -0.84
CA ILE B 111 -10.44 -8.93 -0.32
C ILE B 111 -9.59 -8.95 0.95
N VAL B 112 -10.06 -9.63 2.00
CA VAL B 112 -9.24 -9.80 3.21
C VAL B 112 -8.35 -11.03 3.00
N GLY B 113 -7.06 -10.79 2.77
CA GLY B 113 -6.10 -11.85 2.59
C GLY B 113 -5.54 -12.26 3.95
N SER B 114 -4.25 -12.53 3.99
CA SER B 114 -3.61 -12.97 5.20
C SER B 114 -2.11 -12.86 4.96
N ILE B 115 -1.36 -12.53 5.99
CA ILE B 115 0.08 -12.66 5.84
C ILE B 115 0.51 -14.14 5.58
N ALA B 116 -0.35 -15.11 5.88
CA ALA B 116 -0.09 -16.53 5.48
C ALA B 116 0.09 -16.69 3.97
N ALA B 117 -0.42 -15.74 3.18
CA ALA B 117 -0.17 -15.78 1.74
C ALA B 117 1.32 -15.72 1.42
N THR B 118 2.13 -15.25 2.37
CA THR B 118 3.58 -15.12 2.15
C THR B 118 4.35 -16.33 2.69
N GLN B 119 3.64 -17.40 3.05
CA GLN B 119 4.29 -18.60 3.59
C GLN B 119 5.26 -19.16 2.54
N PRO B 120 6.52 -19.38 2.91
CA PRO B 120 7.43 -19.94 1.90
C PRO B 120 6.89 -21.24 1.35
N GLY B 121 6.96 -21.39 0.04
CA GLY B 121 6.49 -22.60 -0.64
C GLY B 121 5.04 -22.60 -1.05
N ALA B 122 4.25 -21.63 -0.55
CA ALA B 122 2.82 -21.62 -0.88
C ALA B 122 2.61 -21.49 -2.37
N ALA B 123 3.41 -20.62 -2.98
CA ALA B 123 3.32 -20.38 -4.42
C ALA B 123 3.45 -21.65 -5.27
N GLU B 124 4.16 -22.66 -4.74
CA GLU B 124 4.47 -23.88 -5.50
C GLU B 124 3.55 -25.04 -5.23
N LEU B 125 2.56 -24.85 -4.36
CA LEU B 125 1.57 -25.87 -4.05
C LEU B 125 0.69 -26.18 -5.28
N PRO B 126 0.63 -27.45 -5.72
CA PRO B 126 -0.24 -27.81 -6.84
C PRO B 126 -1.66 -27.26 -6.72
N MET B 127 -2.23 -27.30 -5.50
CA MET B 127 -3.51 -26.65 -5.20
C MET B 127 -3.65 -25.30 -5.84
N VAL B 128 -2.59 -24.51 -5.73
CA VAL B 128 -2.61 -23.12 -6.14
C VAL B 128 -2.85 -22.93 -7.66
N GLU B 129 -2.20 -23.76 -8.47
CA GLU B 129 -2.41 -23.70 -9.92
C GLU B 129 -3.85 -24.03 -10.29
N ALA B 130 -4.40 -25.05 -9.63
CA ALA B 130 -5.80 -25.44 -9.85
C ALA B 130 -6.76 -24.31 -9.47
N MET B 131 -6.49 -23.66 -8.32
CA MET B 131 -7.33 -22.53 -7.93
C MET B 131 -7.30 -21.41 -8.97
N LEU B 132 -6.09 -21.05 -9.38
CA LEU B 132 -5.94 -19.96 -10.32
C LEU B 132 -6.49 -20.31 -11.70
N ALA B 133 -6.53 -21.60 -12.01
CA ALA B 133 -7.17 -22.06 -13.24
C ALA B 133 -8.70 -22.06 -13.11
N GLY B 134 -9.21 -21.88 -11.89
CA GLY B 134 -10.65 -21.92 -11.68
C GLY B 134 -11.25 -23.30 -11.61
N ASP B 135 -10.41 -24.33 -11.45
CA ASP B 135 -10.87 -25.72 -11.46
C ASP B 135 -11.10 -26.17 -10.03
N GLU B 136 -12.30 -25.89 -9.51
CA GLU B 136 -12.58 -26.17 -8.11
C GLU B 136 -12.46 -27.65 -7.75
N ALA B 137 -13.04 -28.53 -8.55
CA ALA B 137 -12.99 -29.97 -8.24
C ALA B 137 -11.55 -30.45 -8.10
N ARG B 138 -10.70 -30.09 -9.05
CA ARG B 138 -9.28 -30.47 -9.01
C ARG B 138 -8.53 -29.81 -7.83
N ALA B 139 -8.82 -28.54 -7.52
CA ALA B 139 -8.19 -27.86 -6.37
C ALA B 139 -8.59 -28.51 -5.05
N ILE B 140 -9.86 -28.86 -4.90
CA ILE B 140 -10.33 -29.59 -3.69
C ILE B 140 -9.67 -30.97 -3.59
N GLU B 141 -9.62 -31.70 -4.70
CA GLU B 141 -9.00 -33.02 -4.69
C GLU B 141 -7.54 -32.92 -4.25
N LEU B 142 -6.81 -31.97 -4.84
CA LEU B 142 -5.38 -31.77 -4.50
C LEU B 142 -5.19 -31.39 -3.03
N ALA B 143 -6.04 -30.50 -2.51
CA ALA B 143 -5.95 -30.08 -1.11
C ALA B 143 -6.22 -31.25 -0.17
N GLU B 144 -7.20 -32.06 -0.53
CA GLU B 144 -7.56 -33.19 0.31
C GLU B 144 -6.47 -34.28 0.33
N GLN B 145 -5.80 -34.49 -0.79
CA GLN B 145 -4.70 -35.45 -0.78
C GLN B 145 -3.44 -34.91 -0.07
N GLN B 146 -3.23 -33.59 -0.13
CA GLN B 146 -2.20 -32.93 0.68
C GLN B 146 -2.52 -33.14 2.18
N GLY B 147 -3.79 -32.98 2.54
CA GLY B 147 -4.28 -33.39 3.86
C GLY B 147 -3.87 -32.54 5.06
N GLN B 148 -3.42 -31.32 4.79
CA GLN B 148 -3.06 -30.41 5.88
C GLN B 148 -3.83 -29.09 5.74
N THR B 149 -4.81 -28.89 6.62
CA THR B 149 -5.71 -27.72 6.53
C THR B 149 -4.92 -26.40 6.48
N HIS B 150 -3.86 -26.33 7.28
CA HIS B 150 -3.01 -25.15 7.32
C HIS B 150 -2.28 -24.90 6.00
N LEU B 151 -1.96 -25.98 5.29
CA LEU B 151 -1.38 -25.84 3.95
C LEU B 151 -2.41 -25.29 2.97
N ALA B 152 -3.63 -25.82 3.05
CA ALA B 152 -4.72 -25.32 2.22
C ALA B 152 -5.06 -23.86 2.53
N TYR B 153 -4.95 -23.48 3.80
CA TYR B 153 -5.16 -22.10 4.21
C TYR B 153 -4.16 -21.17 3.57
N ALA B 154 -2.87 -21.47 3.73
CA ALA B 154 -1.82 -20.67 3.10
C ALA B 154 -1.94 -20.62 1.57
N GLY B 155 -2.20 -21.77 0.95
CA GLY B 155 -2.33 -21.87 -0.52
C GLY B 155 -3.50 -21.04 -1.01
N SER B 156 -4.64 -21.13 -0.33
CA SER B 156 -5.82 -20.35 -0.74
C SER B 156 -5.60 -18.84 -0.59
N LYS B 157 -4.93 -18.43 0.48
CA LYS B 157 -4.70 -17.00 0.68
C LYS B 157 -3.71 -16.49 -0.35
N TYR B 158 -2.66 -17.27 -0.64
CA TYR B 158 -1.76 -16.90 -1.71
C TYR B 158 -2.51 -16.76 -3.05
N ALA B 159 -3.27 -17.79 -3.40
CA ALA B 159 -4.02 -17.77 -4.66
C ALA B 159 -5.00 -16.59 -4.75
N VAL B 160 -5.75 -16.34 -3.70
CA VAL B 160 -6.76 -15.27 -3.76
C VAL B 160 -6.12 -13.88 -3.87
N THR B 161 -4.93 -13.71 -3.29
CA THR B 161 -4.16 -12.47 -3.45
C THR B 161 -3.67 -12.33 -4.89
N CYS B 162 -3.15 -13.41 -5.46
CA CYS B 162 -2.78 -13.40 -6.87
C CYS B 162 -3.98 -13.08 -7.77
N LEU B 163 -5.12 -13.68 -7.44
CA LEU B 163 -6.36 -13.47 -8.22
C LEU B 163 -6.70 -11.99 -8.27
N ALA B 164 -6.64 -11.32 -7.14
CA ALA B 164 -6.92 -9.87 -7.12
C ALA B 164 -6.02 -9.12 -8.09
N ARG B 165 -4.72 -9.40 -8.02
CA ARG B 165 -3.77 -8.67 -8.86
C ARG B 165 -3.88 -9.05 -10.34
N ARG B 166 -4.11 -10.32 -10.59
CA ARG B 166 -4.15 -10.74 -11.99
C ARG B 166 -5.33 -10.13 -12.71
N ASN B 167 -6.39 -9.79 -11.99
CA ASN B 167 -7.54 -9.18 -12.67
C ASN B 167 -7.58 -7.66 -12.62
N VAL B 168 -6.42 -7.06 -12.35
CA VAL B 168 -6.34 -5.60 -12.26
C VAL B 168 -6.81 -4.89 -13.54
N VAL B 169 -6.50 -5.45 -14.71
CA VAL B 169 -6.98 -4.85 -15.95
C VAL B 169 -8.50 -5.00 -16.14
N ASP B 170 -9.03 -6.20 -15.93
CA ASP B 170 -10.48 -6.43 -16.00
C ASP B 170 -11.26 -5.49 -15.10
N TRP B 171 -10.82 -5.36 -13.85
CA TRP B 171 -11.52 -4.45 -12.94
C TRP B 171 -11.39 -2.98 -13.32
N ALA B 172 -10.19 -2.56 -13.72
CA ALA B 172 -10.02 -1.20 -14.22
C ALA B 172 -10.99 -0.91 -15.38
N GLY B 173 -11.15 -1.90 -16.25
CA GLY B 173 -12.03 -1.77 -17.41
C GLY B 173 -13.49 -1.56 -17.04
N ARG B 174 -13.86 -2.08 -15.87
CA ARG B 174 -15.21 -1.89 -15.34
C ARG B 174 -15.35 -0.64 -14.49
N GLY B 175 -14.25 0.09 -14.30
CA GLY B 175 -14.29 1.26 -13.44
C GLY B 175 -14.39 0.95 -11.95
N VAL B 176 -13.93 -0.24 -11.55
CA VAL B 176 -14.02 -0.67 -10.16
C VAL B 176 -12.60 -0.95 -9.62
N ARG B 177 -12.23 -0.35 -8.50
CA ARG B 177 -10.93 -0.65 -7.88
C ARG B 177 -11.06 -1.94 -7.10
N LEU B 178 -9.98 -2.72 -7.05
CA LEU B 178 -9.92 -3.95 -6.26
C LEU B 178 -8.57 -4.03 -5.55
N ASN B 179 -8.58 -4.13 -4.22
CA ASN B 179 -7.34 -4.18 -3.44
C ASN B 179 -7.44 -5.32 -2.42
N VAL B 180 -6.29 -5.70 -1.82
CA VAL B 180 -6.24 -6.70 -0.77
C VAL B 180 -5.70 -6.09 0.53
N VAL B 181 -6.27 -6.54 1.67
CA VAL B 181 -5.72 -6.18 2.97
C VAL B 181 -5.17 -7.49 3.51
N ALA B 182 -3.91 -7.46 3.97
CA ALA B 182 -3.27 -8.65 4.52
C ALA B 182 -3.03 -8.43 6.00
N PRO B 183 -3.97 -8.87 6.84
CA PRO B 183 -3.77 -8.71 8.27
C PRO B 183 -2.72 -9.66 8.81
N GLY B 184 -2.06 -9.27 9.89
CA GLY B 184 -1.16 -10.16 10.62
C GLY B 184 -1.97 -10.92 11.66
N VAL B 208 5.77 -12.18 17.93
CA VAL B 208 5.05 -10.94 18.16
C VAL B 208 5.53 -9.89 17.15
N ALA B 209 4.61 -9.13 16.57
CA ALA B 209 4.99 -8.04 15.66
C ALA B 209 5.83 -6.98 16.38
N PRO B 210 6.66 -6.24 15.63
CA PRO B 210 7.42 -5.12 16.18
C PRO B 210 6.57 -4.18 17.03
N LEU B 211 5.31 -3.93 16.63
CA LEU B 211 4.46 -3.05 17.45
C LEU B 211 4.10 -3.66 18.83
N GLY B 212 4.46 -4.92 19.06
CA GLY B 212 4.35 -5.48 20.39
C GLY B 212 3.00 -6.02 20.81
N ARG B 213 2.11 -6.16 19.83
CA ARG B 213 0.75 -6.64 20.07
C ARG B 213 0.16 -7.17 18.78
N GLY B 214 -1.05 -7.74 18.86
CA GLY B 214 -1.80 -8.11 17.68
C GLY B 214 -2.76 -6.97 17.38
N SER B 215 -3.44 -7.03 16.24
CA SER B 215 -4.36 -5.97 15.87
C SER B 215 -5.72 -6.23 16.48
N GLU B 216 -6.49 -5.14 16.63
CA GLU B 216 -7.89 -5.24 16.99
C GLU B 216 -8.59 -5.35 15.64
N PRO B 217 -9.70 -6.12 15.57
CA PRO B 217 -10.43 -6.22 14.29
C PRO B 217 -10.76 -4.84 13.69
N ARG B 218 -11.02 -3.85 14.55
CA ARG B 218 -11.37 -2.51 14.08
C ARG B 218 -10.23 -1.89 13.28
N GLU B 219 -8.99 -2.18 13.66
CA GLU B 219 -7.84 -1.62 12.93
C GLU B 219 -7.76 -2.15 11.50
N VAL B 220 -8.03 -3.44 11.34
CA VAL B 220 -8.13 -4.00 9.99
C VAL B 220 -9.31 -3.38 9.24
N ALA B 221 -10.47 -3.25 9.93
CA ALA B 221 -11.63 -2.65 9.31
C ALA B 221 -11.33 -1.22 8.82
N GLU B 222 -10.51 -0.47 9.55
CA GLU B 222 -10.22 0.90 9.16
C GLU B 222 -9.40 0.94 7.85
N ALA B 223 -8.47 0.00 7.71
CA ALA B 223 -7.72 -0.12 6.44
C ALA B 223 -8.66 -0.47 5.28
N ILE B 224 -9.60 -1.37 5.52
CA ILE B 224 -10.57 -1.75 4.49
C ILE B 224 -11.43 -0.54 4.08
N ALA B 225 -11.90 0.21 5.08
CA ALA B 225 -12.79 1.35 4.83
C ALA B 225 -12.03 2.41 4.03
N PHE B 226 -10.76 2.60 4.36
CA PHE B 226 -9.90 3.51 3.60
C PHE B 226 -9.85 3.08 2.13
N LEU B 227 -9.54 1.81 1.89
CA LEU B 227 -9.38 1.32 0.52
C LEU B 227 -10.70 1.34 -0.28
N LEU B 228 -11.81 1.20 0.42
CA LEU B 228 -13.12 1.29 -0.22
C LEU B 228 -13.51 2.69 -0.65
N GLY B 229 -13.03 3.65 0.10
CA GLY B 229 -13.48 5.04 -0.02
C GLY B 229 -12.75 5.93 -1.02
N PRO B 230 -13.24 7.16 -1.18
CA PRO B 230 -12.76 8.03 -2.24
C PRO B 230 -11.34 8.54 -1.97
N GLN B 231 -10.86 8.41 -0.74
CA GLN B 231 -9.46 8.76 -0.41
C GLN B 231 -8.45 7.84 -1.08
N ALA B 232 -8.91 6.70 -1.58
CA ALA B 232 -8.01 5.72 -2.16
C ALA B 232 -8.21 5.63 -3.68
N SER B 233 -8.62 6.76 -4.28
CA SER B 233 -9.08 6.76 -5.66
C SER B 233 -8.02 6.33 -6.68
N PHE B 234 -6.73 6.39 -6.31
CA PHE B 234 -5.70 5.91 -7.23
C PHE B 234 -5.02 4.62 -6.78
N ILE B 235 -5.64 3.93 -5.82
CA ILE B 235 -5.04 2.71 -5.29
C ILE B 235 -5.80 1.53 -5.86
N HIS B 236 -5.10 0.69 -6.63
CA HIS B 236 -5.76 -0.39 -7.33
C HIS B 236 -4.76 -1.52 -7.50
N GLY B 237 -5.20 -2.73 -7.16
CA GLY B 237 -4.31 -3.89 -7.22
C GLY B 237 -3.28 -3.95 -6.11
N SER B 238 -3.37 -3.07 -5.12
CA SER B 238 -2.39 -3.08 -4.04
C SER B 238 -2.72 -4.12 -2.98
N VAL B 239 -1.66 -4.60 -2.32
CA VAL B 239 -1.79 -5.46 -1.14
C VAL B 239 -1.29 -4.62 0.06
N LEU B 240 -2.22 -4.22 0.92
CA LEU B 240 -1.86 -3.42 2.08
C LEU B 240 -1.69 -4.33 3.29
N PHE B 241 -0.47 -4.49 3.75
CA PHE B 241 -0.24 -5.22 5.01
C PHE B 241 -0.68 -4.38 6.22
N VAL B 242 -1.42 -5.00 7.14
CA VAL B 242 -1.83 -4.34 8.39
C VAL B 242 -1.41 -5.30 9.48
N ASP B 243 -0.11 -5.30 9.76
CA ASP B 243 0.47 -6.36 10.59
C ASP B 243 1.51 -5.93 11.64
N GLY B 244 1.50 -4.64 11.97
CA GLY B 244 2.36 -4.06 13.01
C GLY B 244 3.85 -4.25 12.77
N GLY B 245 4.22 -4.42 11.50
CA GLY B 245 5.62 -4.49 11.13
C GLY B 245 6.14 -5.88 10.88
N MET B 246 5.29 -6.91 11.05
CA MET B 246 5.83 -8.28 10.98
C MET B 246 6.42 -8.61 9.61
N ASP B 247 5.69 -8.26 8.55
CA ASP B 247 6.19 -8.56 7.20
C ASP B 247 7.50 -7.82 6.87
N ALA B 248 7.59 -6.53 7.25
CA ALA B 248 8.82 -5.77 7.12
C ALA B 248 9.99 -6.45 7.87
N LEU B 249 9.71 -6.94 9.08
CA LEU B 249 10.75 -7.58 9.89
C LEU B 249 11.24 -8.86 9.20
N MET B 250 10.31 -9.69 8.77
CA MET B 250 10.63 -11.02 8.24
C MET B 250 10.98 -11.10 6.77
N ARG B 251 10.54 -10.12 5.98
CA ARG B 251 10.76 -10.12 4.53
C ARG B 251 11.18 -8.69 4.06
N ALA B 252 12.16 -8.11 4.73
CA ALA B 252 12.52 -6.73 4.44
C ALA B 252 12.70 -6.50 2.93
N LYS B 253 13.32 -7.45 2.25
CA LYS B 253 13.70 -7.26 0.83
C LYS B 253 12.58 -7.51 -0.16
N THR B 254 11.46 -8.05 0.31
CA THR B 254 10.39 -8.40 -0.59
C THR B 254 9.32 -7.32 -0.53
N PHE B 255 9.23 -6.57 -1.63
CA PHE B 255 8.14 -5.64 -1.82
C PHE B 255 8.05 -5.39 -3.32
PA NAI C . 8.12 17.88 -7.54
O1A NAI C . 9.35 18.22 -8.27
O2A NAI C . 6.87 18.59 -7.94
O5B NAI C . 8.32 18.11 -5.97
C5B NAI C . 9.50 17.70 -5.34
C4B NAI C . 9.91 18.81 -4.38
O4B NAI C . 11.09 18.34 -3.76
C3B NAI C . 10.22 20.12 -5.07
O3B NAI C . 9.60 21.21 -4.41
C2B NAI C . 11.71 20.22 -4.89
O2B NAI C . 12.21 21.54 -4.82
C1B NAI C . 11.95 19.42 -3.60
N9A NAI C . 13.38 19.06 -3.60
C8A NAI C . 14.08 18.40 -4.59
N7A NAI C . 15.39 18.37 -4.22
C5A NAI C . 15.53 19.02 -3.05
C6A NAI C . 16.62 19.31 -2.22
N6A NAI C . 17.90 19.08 -2.59
N1A NAI C . 16.40 20.02 -1.04
C2A NAI C . 15.14 20.44 -0.69
N3A NAI C . 14.06 20.15 -1.49
C4A NAI C . 14.26 19.47 -2.65
O3 NAI C . 7.99 16.29 -7.70
PN NAI C . 6.88 15.30 -7.05
O1N NAI C . 5.97 16.00 -6.14
O2N NAI C . 6.30 14.56 -8.18
O5D NAI C . 7.86 14.33 -6.23
C5D NAI C . 7.68 14.10 -4.84
C4D NAI C . 8.27 12.73 -4.54
O4D NAI C . 7.49 11.76 -5.24
C3D NAI C . 9.71 12.57 -5.03
O3D NAI C . 10.41 11.82 -4.04
C2D NAI C . 9.55 11.68 -6.26
O2D NAI C . 10.68 10.87 -6.45
C1D NAI C . 8.34 10.83 -5.88
N1N NAI C . 7.66 10.22 -7.06
C2N NAI C . 7.13 11.01 -8.02
C3N NAI C . 6.50 10.43 -9.11
C7N NAI C . 5.84 11.30 -10.16
O7N NAI C . 5.37 10.64 -11.28
N7N NAI C . 5.72 12.64 -10.00
C4N NAI C . 6.40 9.03 -9.22
C5N NAI C . 6.93 8.23 -8.18
C6N NAI C . 7.56 8.85 -7.12
#